data_8GHO
#
_entry.id   8GHO
#
_cell.length_a   70.680
_cell.length_b   80.570
_cell.length_c   90.700
_cell.angle_alpha   90.00
_cell.angle_beta   90.00
_cell.angle_gamma   90.00
#
_symmetry.space_group_name_H-M   'P 21 21 21'
#
loop_
_entity.id
_entity.type
_entity.pdbx_description
1 polymer 'anti-GUCY2C-scFv antibody heavy chain'
2 polymer 'anti-GUCY2C-scFv antibody light chain'
3 polymer 'Guanylyl cyclase C peptide'
4 water water
#
loop_
_entity_poly.entity_id
_entity_poly.type
_entity_poly.pdbx_seq_one_letter_code
_entity_poly.pdbx_strand_id
1 'polypeptide(L)'
;EVQLVESGGGLVQPGGSLRLSCAASGFTFSSYWMHWVRQAPGKGLEWIGEIKPSNELTNVHEKFKDRFTISVDKAKNSAY
LQMNSLRAEDTAVYYCTRTITTTEGYWFFDVWGQGTLVTVSS
;
A,H
2 'polypeptide(L)'
;SGDIQLTQSPSSLSASVGDRVTITCRASESVDYYGSSLLQWYQQKPGKAPKLLIYAASKLASGVPSRFSGSGSGTDFTLT
ISSLQPEDFATYYCQQTRKAYTFGQGTKLEIKTGSENLYFQ
;
B,L
3 'polypeptide(L)' GDCRSSTCEGLDLLRKIS C,G
#
# COMPACT_ATOMS: atom_id res chain seq x y z
N GLU A 1 -24.96 -2.26 -12.05
CA GLU A 1 -24.56 -2.65 -10.70
C GLU A 1 -23.90 -1.48 -9.97
N VAL A 2 -24.26 -1.30 -8.69
CA VAL A 2 -23.73 -0.23 -7.82
C VAL A 2 -22.25 -0.53 -7.52
N GLN A 3 -21.37 0.46 -7.73
CA GLN A 3 -19.93 0.33 -7.54
C GLN A 3 -19.28 1.61 -7.05
N LEU A 4 -18.21 1.44 -6.27
CA LEU A 4 -17.37 2.54 -5.78
C LEU A 4 -15.94 2.13 -6.02
N VAL A 5 -15.15 2.99 -6.67
CA VAL A 5 -13.75 2.70 -6.98
C VAL A 5 -12.86 3.82 -6.42
N GLU A 6 -11.99 3.48 -5.41
CA GLU A 6 -11.03 4.44 -4.82
C GLU A 6 -9.71 4.44 -5.59
N SER A 7 -9.01 5.57 -5.58
CA SER A 7 -7.68 5.75 -6.19
C SER A 7 -6.95 6.87 -5.45
N GLY A 8 -5.63 6.92 -5.62
CA GLY A 8 -4.81 7.98 -5.02
C GLY A 8 -3.90 7.57 -3.88
N GLY A 9 -4.02 6.33 -3.41
CA GLY A 9 -3.20 5.84 -2.30
C GLY A 9 -1.73 5.69 -2.64
N GLY A 10 -0.88 5.75 -1.63
CA GLY A 10 0.55 5.62 -1.78
C GLY A 10 1.34 5.94 -0.52
N LEU A 11 2.68 5.96 -0.62
CA LEU A 11 3.59 6.25 0.49
C LEU A 11 3.85 7.75 0.56
N VAL A 12 3.69 8.33 1.77
CA VAL A 12 3.80 9.77 2.05
C VAL A 12 4.70 10.01 3.27
N GLN A 13 5.57 11.04 3.19
CA GLN A 13 6.41 11.41 4.32
C GLN A 13 5.60 12.18 5.36
N PRO A 14 5.94 12.10 6.69
CA PRO A 14 5.19 12.89 7.69
C PRO A 14 5.19 14.38 7.36
N GLY A 15 4.02 14.99 7.55
CA GLY A 15 3.79 16.39 7.23
C GLY A 15 3.31 16.57 5.80
N GLY A 16 3.34 15.46 5.02
CA GLY A 16 2.90 15.44 3.63
C GLY A 16 1.39 15.48 3.50
N SER A 17 0.89 15.66 2.27
CA SER A 17 -0.54 15.76 1.98
C SER A 17 -0.90 14.84 0.82
N LEU A 18 -2.17 14.42 0.77
CA LEU A 18 -2.63 13.48 -0.23
C LEU A 18 -4.14 13.63 -0.48
N ARG A 19 -4.55 13.49 -1.75
CA ARG A 19 -5.97 13.54 -2.14
C ARG A 19 -6.40 12.17 -2.67
N LEU A 20 -7.46 11.62 -2.06
CA LEU A 20 -8.04 10.34 -2.46
C LEU A 20 -9.31 10.61 -3.23
N SER A 21 -9.59 9.77 -4.23
CA SER A 21 -10.78 9.87 -5.06
C SER A 21 -11.66 8.64 -4.90
N CYS A 22 -12.98 8.82 -5.03
CA CYS A 22 -13.98 7.78 -4.97
C CYS A 22 -14.94 7.97 -6.13
N ALA A 23 -14.78 7.16 -7.19
CA ALA A 23 -15.62 7.21 -8.37
C ALA A 23 -16.83 6.31 -8.18
N ALA A 24 -18.03 6.91 -8.16
CA ALA A 24 -19.28 6.18 -7.98
C ALA A 24 -19.92 5.87 -9.31
N SER A 25 -20.53 4.68 -9.42
CA SER A 25 -21.19 4.26 -10.66
C SER A 25 -22.36 3.30 -10.38
N GLY A 26 -23.29 3.25 -11.34
CA GLY A 26 -24.48 2.41 -11.25
C GLY A 26 -25.59 3.01 -10.42
N PHE A 27 -25.45 4.29 -10.02
CA PHE A 27 -26.46 5.05 -9.25
C PHE A 27 -26.17 6.56 -9.35
N THR A 28 -27.17 7.42 -9.35
CA THR A 28 -26.79 8.83 -9.31
C THR A 28 -26.71 9.21 -7.83
N PHE A 29 -25.50 9.53 -7.54
CA PHE A 29 -24.81 10.07 -6.43
C PHE A 29 -25.53 10.97 -5.44
N SER A 30 -26.09 12.08 -5.98
CA SER A 30 -26.63 13.24 -5.28
C SER A 30 -27.54 12.95 -4.07
N SER A 31 -28.41 11.93 -4.16
CA SER A 31 -29.38 11.53 -3.12
C SER A 31 -28.77 10.99 -1.83
N TYR A 32 -27.61 10.33 -1.93
CA TYR A 32 -26.98 9.54 -0.88
C TYR A 32 -25.93 10.20 -0.06
N TRP A 33 -25.84 9.76 1.20
CA TRP A 33 -24.75 10.19 2.03
C TRP A 33 -23.56 9.30 1.67
N MET A 34 -22.44 9.94 1.31
CA MET A 34 -21.18 9.29 0.94
C MET A 34 -20.24 9.45 2.11
N HIS A 35 -19.53 8.38 2.48
CA HIS A 35 -18.64 8.37 3.63
C HIS A 35 -17.25 7.92 3.33
N TRP A 36 -16.31 8.34 4.18
CA TRP A 36 -14.93 7.88 4.18
C TRP A 36 -14.72 7.17 5.50
N VAL A 37 -14.21 5.94 5.44
CA VAL A 37 -13.94 5.07 6.59
C VAL A 37 -12.52 4.53 6.40
N ARG A 38 -11.68 4.53 7.46
CA ARG A 38 -10.33 3.98 7.34
C ARG A 38 -10.11 2.76 8.23
N GLN A 39 -9.09 1.96 7.92
CA GLN A 39 -8.78 0.77 8.69
C GLN A 39 -7.27 0.64 8.80
N ALA A 40 -6.70 0.93 9.99
CA ALA A 40 -5.25 0.83 10.20
C ALA A 40 -4.82 -0.65 10.01
N PRO A 41 -3.60 -0.96 9.46
CA PRO A 41 -3.26 -2.39 9.23
C PRO A 41 -3.38 -3.23 10.49
N GLY A 42 -4.12 -4.34 10.35
CA GLY A 42 -4.41 -5.28 11.44
C GLY A 42 -5.32 -4.75 12.53
N LYS A 43 -5.97 -3.59 12.30
CA LYS A 43 -6.85 -2.93 13.29
C LYS A 43 -8.29 -2.79 12.82
N GLY A 44 -9.10 -2.09 13.62
CA GLY A 44 -10.52 -1.87 13.38
C GLY A 44 -10.87 -0.81 12.35
N LEU A 45 -12.16 -0.44 12.27
CA LEU A 45 -12.66 0.51 11.26
C LEU A 45 -13.05 1.82 11.92
N GLU A 46 -12.64 2.94 11.31
CA GLU A 46 -12.84 4.27 11.84
C GLU A 46 -13.50 5.20 10.83
N TRP A 47 -14.69 5.70 11.18
CA TRP A 47 -15.45 6.64 10.36
C TRP A 47 -14.80 8.02 10.40
N ILE A 48 -14.55 8.59 9.20
CA ILE A 48 -13.90 9.89 9.05
C ILE A 48 -14.93 11.01 8.98
N GLY A 49 -15.88 10.83 8.08
CA GLY A 49 -16.94 11.81 7.88
C GLY A 49 -17.82 11.45 6.71
N GLU A 50 -18.77 12.33 6.45
CA GLU A 50 -19.75 12.15 5.39
C GLU A 50 -20.00 13.43 4.59
N ILE A 51 -20.61 13.27 3.42
CA ILE A 51 -21.03 14.35 2.53
C ILE A 51 -22.30 13.95 1.80
N LYS A 52 -23.25 14.90 1.65
CA LYS A 52 -24.44 14.70 0.84
C LYS A 52 -24.13 15.52 -0.44
N PRO A 53 -23.85 14.86 -1.59
CA PRO A 53 -23.44 15.64 -2.78
C PRO A 53 -24.40 16.73 -3.26
N SER A 54 -25.73 16.47 -3.23
CA SER A 54 -26.75 17.40 -3.69
C SER A 54 -26.65 18.80 -3.09
N ASN A 55 -26.46 18.91 -1.78
CA ASN A 55 -26.34 20.21 -1.11
C ASN A 55 -24.95 20.48 -0.54
N GLU A 56 -24.05 19.47 -0.66
CA GLU A 56 -22.66 19.48 -0.19
C GLU A 56 -22.55 19.66 1.34
N LEU A 57 -23.60 19.24 2.09
CA LEU A 57 -23.61 19.22 3.55
C LEU A 57 -22.57 18.20 3.95
N THR A 58 -21.63 18.61 4.81
CA THR A 58 -20.53 17.76 5.23
C THR A 58 -20.42 17.71 6.75
N ASN A 59 -20.10 16.52 7.28
CA ASN A 59 -19.85 16.33 8.70
C ASN A 59 -18.62 15.48 8.84
N VAL A 60 -17.54 16.10 9.33
CA VAL A 60 -16.28 15.41 9.53
C VAL A 60 -16.17 15.20 11.04
N HIS A 61 -15.72 14.00 11.44
CA HIS A 61 -15.52 13.68 12.85
C HIS A 61 -14.51 14.66 13.44
N GLU A 62 -14.78 15.11 14.67
CA GLU A 62 -13.98 16.04 15.45
C GLU A 62 -12.48 15.79 15.36
N LYS A 63 -12.10 14.48 15.47
CA LYS A 63 -10.74 13.95 15.39
C LYS A 63 -9.97 14.33 14.11
N PHE A 64 -10.70 14.53 12.99
CA PHE A 64 -10.12 14.81 11.67
C PHE A 64 -10.41 16.20 11.10
N LYS A 65 -11.33 16.92 11.74
CA LYS A 65 -11.84 18.23 11.37
C LYS A 65 -10.73 19.26 10.91
N ASP A 66 -9.61 19.34 11.63
CA ASP A 66 -8.56 20.31 11.30
C ASP A 66 -7.65 19.95 10.10
N ARG A 67 -7.59 18.66 9.66
CA ARG A 67 -6.70 18.26 8.56
C ARG A 67 -7.36 17.51 7.40
N PHE A 68 -8.57 16.98 7.60
CA PHE A 68 -9.26 16.20 6.56
C PHE A 68 -10.49 16.92 6.06
N THR A 69 -10.61 17.06 4.73
CA THR A 69 -11.75 17.73 4.10
C THR A 69 -12.40 16.80 3.07
N ILE A 70 -13.73 16.76 3.08
CA ILE A 70 -14.49 15.96 2.14
C ILE A 70 -15.18 16.89 1.13
N SER A 71 -15.09 16.53 -0.15
CA SER A 71 -15.69 17.31 -1.25
C SER A 71 -16.28 16.35 -2.30
N VAL A 72 -17.01 16.91 -3.26
CA VAL A 72 -17.62 16.14 -4.37
C VAL A 72 -17.41 16.88 -5.68
N ASP A 73 -17.49 16.13 -6.78
CA ASP A 73 -17.51 16.65 -8.14
C ASP A 73 -18.71 15.93 -8.74
N LYS A 74 -19.87 16.61 -8.74
CA LYS A 74 -21.12 16.06 -9.23
C LYS A 74 -21.07 15.68 -10.72
N ALA A 75 -20.29 16.43 -11.53
CA ALA A 75 -20.13 16.16 -12.97
C ALA A 75 -19.41 14.81 -13.15
N LYS A 76 -18.44 14.51 -12.27
CA LYS A 76 -17.67 13.27 -12.31
C LYS A 76 -18.27 12.17 -11.42
N ASN A 77 -19.43 12.44 -10.75
CA ASN A 77 -20.10 11.47 -9.84
C ASN A 77 -19.04 10.93 -8.84
N SER A 78 -18.19 11.82 -8.31
CA SER A 78 -17.11 11.41 -7.44
C SER A 78 -17.03 12.17 -6.14
N ALA A 79 -16.51 11.51 -5.09
CA ALA A 79 -16.29 12.08 -3.77
C ALA A 79 -14.77 12.06 -3.55
N TYR A 80 -14.28 13.01 -2.75
CA TYR A 80 -12.85 13.15 -2.48
C TYR A 80 -12.56 13.33 -1.01
N LEU A 81 -11.36 12.92 -0.61
CA LEU A 81 -10.87 13.11 0.73
C LEU A 81 -9.48 13.75 0.61
N GLN A 82 -9.37 15.01 1.08
CA GLN A 82 -8.11 15.74 1.10
C GLN A 82 -7.53 15.56 2.50
N MET A 83 -6.33 14.96 2.59
CA MET A 83 -5.63 14.68 3.83
C MET A 83 -4.36 15.49 3.95
N ASN A 84 -4.27 16.33 4.99
CA ASN A 84 -3.12 17.20 5.21
C ASN A 84 -2.37 16.86 6.49
N SER A 85 -1.09 17.31 6.56
CA SER A 85 -0.17 17.14 7.69
C SER A 85 -0.23 15.72 8.21
N LEU A 86 -0.07 14.76 7.28
CA LEU A 86 -0.16 13.34 7.57
C LEU A 86 0.87 12.91 8.59
N ARG A 87 0.43 12.04 9.50
CA ARG A 87 1.23 11.51 10.60
C ARG A 87 1.24 10.00 10.49
N ALA A 88 2.18 9.31 11.19
CA ALA A 88 2.32 7.85 11.17
C ALA A 88 0.99 7.13 11.47
N GLU A 89 0.15 7.73 12.33
CA GLU A 89 -1.15 7.23 12.78
C GLU A 89 -2.21 7.24 11.67
N ASP A 90 -1.91 7.87 10.52
CA ASP A 90 -2.82 7.93 9.37
C ASP A 90 -2.60 6.78 8.38
N THR A 91 -1.59 5.92 8.64
CA THR A 91 -1.33 4.74 7.81
C THR A 91 -2.53 3.84 7.96
N ALA A 92 -3.26 3.62 6.86
CA ALA A 92 -4.49 2.83 6.84
C ALA A 92 -4.97 2.58 5.44
N VAL A 93 -5.92 1.64 5.31
CA VAL A 93 -6.62 1.39 4.07
C VAL A 93 -7.81 2.35 4.16
N TYR A 94 -8.00 3.18 3.14
CA TYR A 94 -9.08 4.13 3.12
C TYR A 94 -10.16 3.68 2.18
N TYR A 95 -11.39 3.57 2.71
CA TYR A 95 -12.57 3.17 1.95
C TYR A 95 -13.53 4.31 1.82
N CYS A 96 -14.25 4.32 0.70
CA CYS A 96 -15.41 5.17 0.58
C CYS A 96 -16.58 4.19 0.54
N THR A 97 -17.72 4.61 1.08
CA THR A 97 -18.91 3.78 1.22
C THR A 97 -20.11 4.70 1.24
N ARG A 98 -21.30 4.14 1.14
CA ARG A 98 -22.51 4.95 1.16
C ARG A 98 -23.50 4.35 2.13
N THR A 99 -24.41 5.19 2.63
CA THR A 99 -25.47 4.66 3.48
C THR A 99 -26.75 4.65 2.68
N ILE A 100 -27.55 3.61 2.89
CA ILE A 100 -28.88 3.44 2.29
C ILE A 100 -29.88 3.22 3.41
N THR A 101 -31.16 3.51 3.15
CA THR A 101 -32.24 3.31 4.12
C THR A 101 -33.19 2.25 3.57
N THR A 102 -33.58 1.28 4.42
CA THR A 102 -34.54 0.24 4.03
C THR A 102 -35.96 0.80 4.19
N THR A 103 -36.97 0.05 3.74
CA THR A 103 -38.38 0.44 3.88
C THR A 103 -38.78 0.55 5.35
N GLU A 104 -38.16 -0.28 6.23
CA GLU A 104 -38.41 -0.23 7.67
C GLU A 104 -37.70 0.91 8.40
N GLY A 105 -36.86 1.66 7.68
CA GLY A 105 -36.17 2.84 8.20
C GLY A 105 -34.75 2.67 8.70
N TYR A 106 -34.17 1.47 8.55
CA TYR A 106 -32.80 1.23 9.00
C TYR A 106 -31.80 1.65 7.94
N TRP A 107 -30.76 2.37 8.37
CA TRP A 107 -29.70 2.84 7.48
C TRP A 107 -28.35 2.28 7.89
N PHE A 108 -27.51 1.97 6.90
CA PHE A 108 -26.21 1.35 7.11
C PHE A 108 -25.38 1.40 5.84
N PHE A 109 -24.08 1.09 5.97
CA PHE A 109 -23.16 1.01 4.84
C PHE A 109 -23.50 -0.25 4.06
N ASP A 110 -23.81 -0.13 2.76
CA ASP A 110 -24.16 -1.31 1.96
C ASP A 110 -23.07 -1.64 0.94
N VAL A 111 -22.63 -0.65 0.17
CA VAL A 111 -21.60 -0.83 -0.86
C VAL A 111 -20.35 -0.07 -0.44
N TRP A 112 -19.20 -0.70 -0.65
CA TRP A 112 -17.90 -0.12 -0.33
C TRP A 112 -17.00 -0.21 -1.54
N GLY A 113 -15.98 0.64 -1.55
CA GLY A 113 -14.95 0.55 -2.57
C GLY A 113 -14.00 -0.59 -2.22
N GLN A 114 -12.99 -0.84 -3.08
CA GLN A 114 -12.01 -1.90 -2.83
C GLN A 114 -10.97 -1.48 -1.77
N GLY A 115 -10.90 -0.18 -1.50
CA GLY A 115 -9.95 0.42 -0.58
C GLY A 115 -8.68 0.83 -1.28
N THR A 116 -8.03 1.87 -0.76
CA THR A 116 -6.73 2.34 -1.23
C THR A 116 -5.82 2.52 -0.01
N LEU A 117 -4.59 1.99 -0.08
CA LEU A 117 -3.68 2.06 1.05
C LEU A 117 -2.86 3.34 1.08
N VAL A 118 -2.87 4.01 2.23
CA VAL A 118 -2.06 5.21 2.48
C VAL A 118 -1.02 4.83 3.54
N THR A 119 0.28 4.92 3.21
CA THR A 119 1.35 4.57 4.14
C THR A 119 2.16 5.79 4.45
N VAL A 120 2.24 6.13 5.74
CA VAL A 120 3.04 7.26 6.16
C VAL A 120 4.40 6.71 6.61
N SER A 121 5.39 6.80 5.69
CA SER A 121 6.77 6.31 5.89
C SER A 121 7.59 7.37 6.64
N SER A 122 8.83 7.06 7.05
CA SER A 122 9.70 7.97 7.82
C SER A 122 9.93 9.33 7.16
N SER B 1 -13.13 10.40 23.93
CA SER B 1 -14.02 10.83 22.86
C SER B 1 -15.47 10.55 23.24
N GLY B 2 -16.39 11.44 22.85
CA GLY B 2 -17.82 11.31 23.12
C GLY B 2 -18.53 10.22 22.34
N ASP B 3 -17.79 9.40 21.60
CA ASP B 3 -18.34 8.33 20.75
C ASP B 3 -18.90 7.15 21.54
N ILE B 4 -19.84 6.40 20.92
CA ILE B 4 -20.34 5.17 21.52
C ILE B 4 -19.27 4.14 21.20
N GLN B 5 -18.61 3.63 22.23
CA GLN B 5 -17.54 2.66 22.06
C GLN B 5 -18.12 1.28 22.01
N LEU B 6 -17.61 0.45 21.09
CA LEU B 6 -18.05 -0.95 20.93
C LEU B 6 -16.86 -1.85 21.22
N THR B 7 -17.02 -2.78 22.18
CA THR B 7 -15.96 -3.70 22.58
C THR B 7 -16.41 -5.12 22.29
N GLN B 8 -15.64 -5.82 21.46
CA GLN B 8 -15.96 -7.18 21.06
C GLN B 8 -15.17 -8.19 21.89
N SER B 9 -15.74 -9.39 22.02
CA SER B 9 -15.11 -10.50 22.72
C SER B 9 -15.42 -11.83 22.00
N PRO B 10 -14.41 -12.71 21.77
CA PRO B 10 -12.97 -12.54 22.09
C PRO B 10 -12.29 -11.68 21.01
N SER B 11 -10.96 -11.52 21.07
CA SER B 11 -10.22 -10.76 20.06
C SER B 11 -10.00 -11.63 18.83
N SER B 12 -9.79 -12.94 19.05
CA SER B 12 -9.63 -13.93 17.99
C SER B 12 -10.08 -15.27 18.53
N LEU B 13 -10.47 -16.17 17.63
CA LEU B 13 -10.92 -17.51 18.00
C LEU B 13 -10.74 -18.48 16.84
N SER B 14 -10.61 -19.77 17.15
CA SER B 14 -10.53 -20.78 16.11
C SER B 14 -11.58 -21.85 16.40
N ALA B 15 -12.11 -22.46 15.34
CA ALA B 15 -13.11 -23.52 15.42
C ALA B 15 -13.10 -24.34 14.14
N SER B 16 -13.80 -25.47 14.12
CA SER B 16 -13.84 -26.35 12.96
C SER B 16 -15.15 -26.21 12.20
N VAL B 17 -15.18 -26.69 10.94
CA VAL B 17 -16.38 -26.71 10.09
C VAL B 17 -17.44 -27.53 10.85
N GLY B 18 -18.64 -26.98 10.95
CA GLY B 18 -19.75 -27.63 11.64
C GLY B 18 -19.93 -27.15 13.06
N ASP B 19 -18.95 -26.40 13.60
CA ASP B 19 -19.06 -25.88 14.97
C ASP B 19 -19.94 -24.65 15.03
N ARG B 20 -20.46 -24.39 16.21
CA ARG B 20 -21.26 -23.22 16.51
C ARG B 20 -20.32 -22.26 17.22
N VAL B 21 -20.29 -20.99 16.79
CA VAL B 21 -19.47 -19.98 17.43
C VAL B 21 -20.29 -18.75 17.82
N THR B 22 -19.87 -18.06 18.87
CA THR B 22 -20.52 -16.83 19.31
C THR B 22 -19.49 -15.72 19.48
N ILE B 23 -19.83 -14.53 19.04
CA ILE B 23 -19.00 -13.34 19.17
C ILE B 23 -19.88 -12.30 19.86
N THR B 24 -19.37 -11.67 20.91
CA THR B 24 -20.17 -10.67 21.62
C THR B 24 -19.70 -9.25 21.33
N CYS B 25 -20.61 -8.29 21.54
CA CYS B 25 -20.36 -6.87 21.34
C CYS B 25 -21.02 -6.12 22.49
N ARG B 26 -20.25 -5.31 23.20
CA ARG B 26 -20.75 -4.49 24.30
C ARG B 26 -20.59 -3.01 23.95
N ALA B 27 -21.70 -2.24 24.05
CA ALA B 27 -21.69 -0.81 23.77
C ALA B 27 -21.54 -0.03 25.09
N SER B 28 -20.84 1.12 25.03
CA SER B 28 -20.62 2.00 26.19
C SER B 28 -21.92 2.67 26.68
N GLU B 29 -22.93 2.74 25.80
CA GLU B 29 -24.27 3.26 26.10
C GLU B 29 -25.26 2.58 25.16
N SER B 30 -26.57 2.60 25.50
CA SER B 30 -27.60 1.97 24.68
C SER B 30 -27.58 2.43 23.22
N VAL B 31 -27.72 1.46 22.29
CA VAL B 31 -27.79 1.79 20.87
C VAL B 31 -29.26 1.68 20.39
N ASP B 32 -30.20 1.58 21.35
CA ASP B 32 -31.63 1.45 21.05
C ASP B 32 -32.29 2.78 20.72
N TYR B 33 -33.36 2.74 19.91
CA TYR B 33 -34.15 3.89 19.51
C TYR B 33 -35.52 3.44 19.05
N TYR B 34 -36.57 3.87 19.76
CA TYR B 34 -37.97 3.57 19.44
C TYR B 34 -38.24 2.08 19.25
N GLY B 35 -37.72 1.26 20.15
CA GLY B 35 -37.90 -0.20 20.12
C GLY B 35 -37.01 -0.96 19.15
N SER B 36 -36.06 -0.27 18.51
CA SER B 36 -35.11 -0.89 17.59
C SER B 36 -33.73 -0.81 18.22
N SER B 37 -32.82 -1.72 17.85
CA SER B 37 -31.44 -1.70 18.32
C SER B 37 -30.60 -1.42 17.08
N LEU B 38 -29.98 -0.24 17.01
CA LEU B 38 -29.23 0.20 15.83
C LEU B 38 -27.82 -0.36 15.82
N LEU B 39 -27.75 -1.69 15.65
CA LEU B 39 -26.52 -2.48 15.70
C LEU B 39 -26.40 -3.40 14.50
N GLN B 40 -25.29 -3.28 13.77
CA GLN B 40 -24.99 -4.07 12.59
C GLN B 40 -23.81 -4.99 12.86
N TRP B 41 -23.72 -6.07 12.09
CA TRP B 41 -22.58 -6.98 12.09
C TRP B 41 -22.04 -7.02 10.67
N TYR B 42 -20.71 -6.81 10.51
CA TYR B 42 -20.03 -6.85 9.22
C TYR B 42 -18.99 -7.97 9.20
N GLN B 43 -18.81 -8.58 8.04
CA GLN B 43 -17.83 -9.64 7.84
C GLN B 43 -16.80 -9.11 6.88
N GLN B 44 -15.54 -9.23 7.23
CA GLN B 44 -14.47 -8.77 6.36
C GLN B 44 -13.48 -9.89 6.04
N LYS B 45 -13.46 -10.29 4.76
CA LYS B 45 -12.54 -11.30 4.28
C LYS B 45 -11.17 -10.64 4.04
N PRO B 46 -10.03 -11.38 4.18
CA PRO B 46 -8.72 -10.73 3.99
C PRO B 46 -8.56 -9.99 2.66
N GLY B 47 -8.12 -8.74 2.76
CA GLY B 47 -7.90 -7.84 1.63
C GLY B 47 -9.15 -7.27 0.98
N LYS B 48 -10.34 -7.62 1.51
CA LYS B 48 -11.64 -7.18 0.97
C LYS B 48 -12.31 -6.13 1.85
N ALA B 49 -13.36 -5.49 1.33
CA ALA B 49 -14.13 -4.49 2.07
C ALA B 49 -15.09 -5.20 3.03
N PRO B 50 -15.57 -4.55 4.13
CA PRO B 50 -16.56 -5.21 5.00
C PRO B 50 -17.86 -5.46 4.24
N LYS B 51 -18.56 -6.54 4.63
CA LYS B 51 -19.83 -6.93 4.02
C LYS B 51 -20.87 -7.03 5.11
N LEU B 52 -22.00 -6.35 4.92
CA LEU B 52 -23.09 -6.39 5.89
C LEU B 52 -23.70 -7.79 6.02
N LEU B 53 -23.84 -8.28 7.27
CA LEU B 53 -24.46 -9.57 7.56
C LEU B 53 -25.80 -9.37 8.23
N ILE B 54 -25.80 -8.57 9.32
CA ILE B 54 -26.93 -8.29 10.18
C ILE B 54 -27.09 -6.79 10.34
N TYR B 55 -28.33 -6.31 10.34
CA TYR B 55 -28.65 -4.92 10.65
C TYR B 55 -29.79 -4.93 11.65
N ALA B 56 -29.95 -3.82 12.40
CA ALA B 56 -30.98 -3.66 13.44
C ALA B 56 -30.97 -4.86 14.42
N ALA B 57 -29.74 -5.27 14.83
CA ALA B 57 -29.38 -6.33 15.77
C ALA B 57 -29.75 -7.77 15.36
N SER B 58 -30.90 -7.98 14.70
CA SER B 58 -31.37 -9.33 14.38
C SER B 58 -31.78 -9.58 12.93
N LYS B 59 -31.80 -8.54 12.08
CA LYS B 59 -32.23 -8.68 10.71
C LYS B 59 -31.12 -9.10 9.78
N LEU B 60 -31.35 -10.20 9.07
CA LEU B 60 -30.43 -10.79 8.11
C LEU B 60 -30.45 -9.97 6.81
N ALA B 61 -29.27 -9.53 6.34
CA ALA B 61 -29.14 -8.77 5.09
C ALA B 61 -29.45 -9.75 3.94
N SER B 62 -29.99 -9.25 2.82
CA SER B 62 -30.36 -10.11 1.68
C SER B 62 -29.21 -10.98 1.17
N GLY B 63 -29.50 -12.25 0.94
CA GLY B 63 -28.54 -13.24 0.46
C GLY B 63 -27.62 -13.85 1.50
N VAL B 64 -27.69 -13.38 2.75
CA VAL B 64 -26.85 -13.89 3.84
C VAL B 64 -27.42 -15.20 4.37
N PRO B 65 -26.61 -16.28 4.48
CA PRO B 65 -27.14 -17.56 5.00
C PRO B 65 -27.78 -17.48 6.39
N SER B 66 -28.83 -18.29 6.61
CA SER B 66 -29.61 -18.39 7.84
C SER B 66 -28.79 -18.83 9.06
N ARG B 67 -27.61 -19.46 8.85
CA ARG B 67 -26.72 -19.91 9.93
C ARG B 67 -26.17 -18.74 10.77
N PHE B 68 -26.18 -17.52 10.19
CA PHE B 68 -25.79 -16.30 10.89
C PHE B 68 -27.03 -15.73 11.56
N SER B 69 -26.96 -15.49 12.87
CA SER B 69 -28.06 -14.89 13.60
C SER B 69 -27.54 -13.88 14.59
N GLY B 70 -28.30 -12.82 14.78
CA GLY B 70 -27.96 -11.74 15.69
C GLY B 70 -29.01 -11.60 16.78
N SER B 71 -28.56 -11.30 18.00
CA SER B 71 -29.46 -11.11 19.13
C SER B 71 -28.92 -10.03 20.05
N GLY B 72 -29.72 -9.68 21.04
CA GLY B 72 -29.37 -8.66 22.02
C GLY B 72 -30.15 -7.37 21.87
N SER B 73 -29.93 -6.46 22.82
CA SER B 73 -30.55 -5.14 22.90
C SER B 73 -29.74 -4.28 23.84
N GLY B 74 -30.02 -2.98 23.83
CA GLY B 74 -29.37 -1.99 24.69
C GLY B 74 -27.89 -1.87 24.49
N THR B 75 -27.10 -2.50 25.37
CA THR B 75 -25.64 -2.44 25.36
C THR B 75 -24.95 -3.78 25.11
N ASP B 76 -25.72 -4.88 24.96
CA ASP B 76 -25.13 -6.20 24.82
C ASP B 76 -25.72 -6.97 23.65
N PHE B 77 -24.84 -7.38 22.73
CA PHE B 77 -25.22 -8.07 21.50
C PHE B 77 -24.37 -9.28 21.24
N THR B 78 -24.93 -10.24 20.49
CA THR B 78 -24.25 -11.48 20.15
C THR B 78 -24.50 -11.84 18.70
N LEU B 79 -23.43 -12.24 18.02
CA LEU B 79 -23.47 -12.79 16.67
C LEU B 79 -23.22 -14.28 16.87
N THR B 80 -24.15 -15.09 16.37
CA THR B 80 -24.05 -16.54 16.47
C THR B 80 -23.94 -17.14 15.07
N ILE B 81 -22.93 -17.98 14.87
CA ILE B 81 -22.77 -18.69 13.62
C ILE B 81 -22.95 -20.16 13.96
N SER B 82 -24.13 -20.69 13.65
CA SER B 82 -24.40 -22.11 13.85
C SER B 82 -23.78 -22.82 12.66
N SER B 83 -23.26 -24.04 12.87
CA SER B 83 -22.65 -24.89 11.83
C SER B 83 -21.72 -24.12 10.87
N LEU B 84 -20.50 -23.81 11.32
CA LEU B 84 -19.50 -23.09 10.55
C LEU B 84 -19.24 -23.72 9.22
N GLN B 85 -19.03 -22.88 8.22
CA GLN B 85 -18.70 -23.31 6.87
C GLN B 85 -17.31 -22.77 6.53
N PRO B 86 -16.56 -23.41 5.58
CA PRO B 86 -15.19 -22.93 5.33
C PRO B 86 -15.02 -21.48 4.90
N GLU B 87 -16.04 -20.93 4.23
CA GLU B 87 -16.08 -19.55 3.74
C GLU B 87 -16.36 -18.52 4.84
N ASP B 88 -16.79 -18.98 6.03
CA ASP B 88 -17.11 -18.13 7.17
C ASP B 88 -15.90 -17.60 7.94
N PHE B 89 -14.71 -18.01 7.55
CA PHE B 89 -13.53 -17.56 8.26
C PHE B 89 -13.12 -16.19 7.76
N ALA B 90 -13.15 -15.20 8.69
CA ALA B 90 -12.93 -13.77 8.42
C ALA B 90 -12.81 -12.98 9.73
N THR B 91 -12.75 -11.63 9.64
CA THR B 91 -12.75 -10.75 10.80
C THR B 91 -14.14 -10.14 10.84
N TYR B 92 -14.79 -10.24 12.01
CA TYR B 92 -16.15 -9.77 12.24
C TYR B 92 -16.15 -8.50 13.05
N TYR B 93 -17.01 -7.54 12.67
CA TYR B 93 -17.12 -6.27 13.35
C TYR B 93 -18.55 -5.95 13.69
N CYS B 94 -18.80 -5.52 14.93
CA CYS B 94 -20.11 -4.97 15.24
C CYS B 94 -19.99 -3.48 14.92
N GLN B 95 -21.12 -2.82 14.65
CA GLN B 95 -21.12 -1.45 14.17
C GLN B 95 -22.42 -0.79 14.63
N GLN B 96 -22.36 0.43 15.16
CA GLN B 96 -23.59 1.10 15.63
C GLN B 96 -23.90 2.39 14.87
N THR B 97 -25.21 2.68 14.71
CA THR B 97 -25.70 3.85 13.97
C THR B 97 -26.58 4.76 14.85
N ARG B 98 -26.64 4.48 16.17
CA ARG B 98 -27.42 5.29 17.12
C ARG B 98 -26.86 6.71 17.22
N LYS B 99 -25.51 6.84 17.20
CA LYS B 99 -24.82 8.13 17.30
C LYS B 99 -23.65 8.08 16.34
N ALA B 100 -23.77 8.85 15.22
CA ALA B 100 -22.80 8.87 14.12
C ALA B 100 -22.49 7.41 13.71
N TYR B 101 -21.20 7.04 13.57
CA TYR B 101 -20.83 5.69 13.13
C TYR B 101 -19.58 5.24 13.84
N THR B 102 -19.67 4.13 14.61
CA THR B 102 -18.51 3.51 15.24
C THR B 102 -18.53 2.01 14.97
N PHE B 103 -17.38 1.37 15.15
CA PHE B 103 -17.20 -0.05 14.94
C PHE B 103 -16.49 -0.63 16.15
N GLY B 104 -16.66 -1.91 16.39
CA GLY B 104 -15.91 -2.65 17.40
C GLY B 104 -14.49 -2.82 16.89
N GLN B 105 -13.59 -3.33 17.75
CA GLN B 105 -12.18 -3.51 17.36
C GLN B 105 -11.96 -4.71 16.40
N GLY B 106 -12.98 -5.54 16.24
CA GLY B 106 -12.92 -6.72 15.39
C GLY B 106 -12.55 -8.00 16.11
N THR B 107 -13.11 -9.12 15.63
CA THR B 107 -12.85 -10.47 16.15
C THR B 107 -12.45 -11.33 14.96
N LYS B 108 -11.22 -11.85 14.98
CA LYS B 108 -10.73 -12.69 13.91
C LYS B 108 -11.14 -14.15 14.13
N LEU B 109 -11.88 -14.72 13.18
CA LEU B 109 -12.31 -16.10 13.24
C LEU B 109 -11.50 -16.93 12.26
N GLU B 110 -10.77 -17.93 12.77
CA GLU B 110 -9.93 -18.80 11.94
C GLU B 110 -10.36 -20.24 11.98
N ILE B 111 -10.09 -20.96 10.89
CA ILE B 111 -10.40 -22.37 10.76
C ILE B 111 -9.39 -23.21 11.54
N LYS B 112 -9.92 -24.22 12.21
CA LYS B 112 -9.15 -25.23 12.92
C LYS B 112 -9.32 -26.47 12.07
N THR B 113 -8.21 -27.03 11.60
CA THR B 113 -8.18 -28.18 10.73
C THR B 113 -7.60 -29.41 11.45
N GLY B 114 -6.69 -29.14 12.36
CA GLY B 114 -6.03 -30.14 13.18
C GLY B 114 -6.14 -29.79 14.64
N SER B 115 -5.69 -30.69 15.49
CA SER B 115 -5.71 -30.50 16.93
C SER B 115 -4.55 -29.67 17.41
N GLU B 116 -4.70 -29.09 18.62
CA GLU B 116 -3.65 -28.37 19.30
C GLU B 116 -2.72 -29.45 19.85
N ASN B 117 -1.41 -29.21 19.83
CA ASN B 117 -0.44 -30.17 20.33
C ASN B 117 -0.52 -30.24 21.85
N LEU B 118 -0.15 -31.39 22.43
CA LEU B 118 -0.13 -31.57 23.87
C LEU B 118 1.31 -31.46 24.37
N TYR B 119 1.64 -30.29 24.94
CA TYR B 119 3.00 -30.01 25.39
C TYR B 119 3.28 -30.60 26.77
N PHE B 120 3.24 -31.93 26.83
CA PHE B 120 3.56 -32.70 28.02
C PHE B 120 5.00 -33.18 27.87
N GLN B 121 5.75 -33.16 28.99
CA GLN B 121 7.11 -33.67 29.08
C GLN B 121 7.27 -34.35 30.44
N GLY C 1 -37.29 19.98 11.78
CA GLY C 1 -36.64 19.36 10.62
C GLY C 1 -35.25 19.90 10.32
N ASP C 2 -34.51 20.33 11.36
CA ASP C 2 -33.16 20.88 11.28
C ASP C 2 -32.14 19.75 11.45
N CYS C 3 -31.98 18.89 10.42
CA CYS C 3 -31.12 17.74 10.59
C CYS C 3 -29.63 17.95 10.30
N ARG C 4 -29.22 18.17 9.05
CA ARG C 4 -27.83 18.41 8.63
C ARG C 4 -26.89 17.15 8.74
N SER C 5 -27.39 15.96 9.18
CA SER C 5 -26.56 14.73 9.18
C SER C 5 -27.39 13.48 8.82
N SER C 6 -26.72 12.38 8.41
CA SER C 6 -27.40 11.12 8.09
C SER C 6 -28.03 10.52 9.33
N THR C 7 -27.37 10.67 10.51
CA THR C 7 -27.88 10.15 11.78
C THR C 7 -29.19 10.86 12.15
N CYS C 8 -29.20 12.21 12.14
CA CYS C 8 -30.39 12.99 12.43
C CYS C 8 -31.53 12.58 11.50
N GLU C 9 -31.28 12.53 10.17
CA GLU C 9 -32.27 12.14 9.17
C GLU C 9 -32.78 10.74 9.40
N GLY C 10 -31.86 9.81 9.71
CA GLY C 10 -32.18 8.42 9.99
C GLY C 10 -33.07 8.25 11.21
N LEU C 11 -32.73 8.94 12.32
CA LEU C 11 -33.50 8.87 13.56
C LEU C 11 -34.90 9.48 13.37
N ASP C 12 -34.96 10.63 12.66
CA ASP C 12 -36.19 11.35 12.33
C ASP C 12 -37.16 10.48 11.51
N LEU C 13 -36.68 9.82 10.44
CA LEU C 13 -37.48 8.94 9.58
C LEU C 13 -37.93 7.69 10.32
N LEU C 14 -37.02 7.04 11.09
CA LEU C 14 -37.32 5.82 11.84
C LEU C 14 -38.39 6.06 12.90
N ARG C 15 -38.32 7.19 13.61
CA ARG C 15 -39.29 7.59 14.64
C ARG C 15 -40.69 7.79 14.02
N LYS C 16 -40.75 8.40 12.83
CA LYS C 16 -41.99 8.67 12.10
C LYS C 16 -42.73 7.41 11.65
N ILE C 17 -42.06 6.25 11.62
CA ILE C 17 -42.70 4.99 11.21
C ILE C 17 -42.69 3.96 12.35
N CYS D 3 38.23 -10.95 -6.41
CA CYS D 3 37.12 -10.05 -6.14
C CYS D 3 36.10 -10.64 -5.20
N ARG D 4 35.50 -9.75 -4.46
CA ARG D 4 34.63 -9.97 -3.33
C ARG D 4 33.20 -9.40 -3.56
N SER D 5 32.99 -8.66 -4.64
CA SER D 5 31.75 -7.93 -4.96
C SER D 5 31.54 -7.79 -6.46
N SER D 6 30.30 -7.41 -6.88
CA SER D 6 29.98 -7.20 -8.29
C SER D 6 30.74 -5.99 -8.83
N THR D 7 30.94 -4.95 -8.00
CA THR D 7 31.68 -3.73 -8.39
C THR D 7 33.14 -4.09 -8.69
N CYS D 8 33.82 -4.80 -7.77
CA CYS D 8 35.21 -5.23 -7.98
C CYS D 8 35.32 -6.04 -9.26
N GLU D 9 34.45 -7.07 -9.45
CA GLU D 9 34.45 -7.92 -10.64
C GLU D 9 34.21 -7.10 -11.91
N GLY D 10 33.26 -6.18 -11.83
CA GLY D 10 32.89 -5.31 -12.94
C GLY D 10 34.03 -4.39 -13.37
N LEU D 11 34.70 -3.75 -12.39
CA LEU D 11 35.82 -2.84 -12.65
C LEU D 11 36.99 -3.59 -13.24
N ASP D 12 37.31 -4.79 -12.71
CA ASP D 12 38.40 -5.62 -13.21
C ASP D 12 38.18 -6.04 -14.66
N LEU D 13 36.98 -6.56 -14.98
CA LEU D 13 36.68 -6.99 -16.35
C LEU D 13 36.69 -5.80 -17.33
N LEU D 14 36.07 -4.67 -16.94
CA LEU D 14 36.01 -3.47 -17.78
C LEU D 14 37.40 -2.90 -18.08
N ARG D 15 38.28 -2.86 -17.07
CA ARG D 15 39.65 -2.36 -17.23
C ARG D 15 40.45 -3.25 -18.18
N LYS D 16 40.25 -4.58 -18.12
CA LYS D 16 40.93 -5.56 -18.98
C LYS D 16 40.58 -5.44 -20.47
N ILE D 17 39.47 -4.75 -20.80
CA ILE D 17 39.06 -4.56 -22.21
C ILE D 17 39.09 -3.08 -22.60
N SER D 18 39.40 -2.18 -21.64
CA SER D 18 39.52 -0.74 -21.86
C SER D 18 40.98 -0.37 -22.08
N GLU E 1 10.88 -16.04 -20.57
CA GLU E 1 11.01 -14.65 -20.15
C GLU E 1 11.61 -14.55 -18.75
N VAL E 2 12.59 -13.65 -18.56
CA VAL E 2 13.26 -13.39 -17.27
C VAL E 2 12.26 -12.72 -16.33
N GLN E 3 12.12 -13.26 -15.11
CA GLN E 3 11.17 -12.79 -14.11
C GLN E 3 11.67 -12.92 -12.69
N LEU E 4 11.23 -11.97 -11.84
CA LEU E 4 11.51 -11.96 -10.41
C LEU E 4 10.20 -11.66 -9.72
N VAL E 5 9.81 -12.52 -8.76
CA VAL E 5 8.55 -12.34 -8.02
C VAL E 5 8.84 -12.31 -6.54
N GLU E 6 8.44 -11.23 -5.90
CA GLU E 6 8.66 -11.10 -4.48
C GLU E 6 7.44 -11.48 -3.68
N SER E 7 7.66 -11.73 -2.38
CA SER E 7 6.61 -12.04 -1.42
C SER E 7 7.13 -11.85 -0.01
N GLY E 8 6.22 -11.77 0.95
CA GLY E 8 6.57 -11.63 2.35
C GLY E 8 6.35 -10.28 3.00
N GLY E 9 5.98 -9.27 2.21
CA GLY E 9 5.73 -7.94 2.72
C GLY E 9 4.49 -7.89 3.60
N GLY E 10 4.48 -6.94 4.51
CA GLY E 10 3.36 -6.75 5.42
C GLY E 10 3.74 -5.89 6.60
N LEU E 11 2.93 -6.03 7.65
CA LEU E 11 3.05 -5.32 8.91
C LEU E 11 3.96 -6.05 9.87
N VAL E 12 4.76 -5.26 10.59
CA VAL E 12 5.71 -5.71 11.60
C VAL E 12 5.83 -4.60 12.66
N GLN E 13 5.86 -4.98 13.94
CA GLN E 13 5.97 -4.05 15.06
C GLN E 13 7.42 -3.58 15.18
N PRO E 14 7.71 -2.36 15.70
CA PRO E 14 9.12 -1.93 15.85
C PRO E 14 9.90 -2.89 16.74
N GLY E 15 11.13 -3.20 16.34
CA GLY E 15 12.00 -4.16 16.99
C GLY E 15 11.79 -5.56 16.44
N GLY E 16 10.78 -5.71 15.61
CA GLY E 16 10.43 -6.98 14.99
C GLY E 16 11.32 -7.34 13.83
N SER E 17 11.06 -8.54 13.30
CA SER E 17 11.80 -9.11 12.20
C SER E 17 10.87 -9.59 11.08
N LEU E 18 11.40 -9.64 9.85
CA LEU E 18 10.64 -10.05 8.68
C LEU E 18 11.57 -10.63 7.62
N ARG E 19 11.12 -11.68 6.93
CA ARG E 19 11.86 -12.32 5.84
C ARG E 19 11.14 -12.12 4.51
N LEU E 20 11.82 -11.55 3.53
CA LEU E 20 11.28 -11.38 2.18
C LEU E 20 11.88 -12.40 1.26
N SER E 21 11.10 -12.84 0.26
CA SER E 21 11.51 -13.84 -0.72
C SER E 21 11.49 -13.25 -2.11
N CYS E 22 12.39 -13.72 -2.98
CA CYS E 22 12.51 -13.32 -4.37
C CYS E 22 12.66 -14.58 -5.22
N ALA E 23 11.57 -15.00 -5.88
CA ALA E 23 11.56 -16.19 -6.72
C ALA E 23 11.98 -15.81 -8.15
N ALA E 24 13.11 -16.36 -8.61
CA ALA E 24 13.65 -16.07 -9.95
C ALA E 24 13.26 -17.14 -10.94
N SER E 25 13.06 -16.74 -12.21
CA SER E 25 12.69 -17.67 -13.28
C SER E 25 13.09 -17.16 -14.65
N GLY E 26 13.23 -18.08 -15.60
CA GLY E 26 13.57 -17.78 -16.98
C GLY E 26 15.04 -17.56 -17.24
N PHE E 27 15.91 -17.86 -16.24
CA PHE E 27 17.36 -17.71 -16.36
C PHE E 27 18.10 -18.53 -15.34
N THR E 28 19.42 -18.76 -15.63
CA THR E 28 20.38 -19.49 -14.78
C THR E 28 20.70 -18.61 -13.58
N PHE E 29 19.97 -18.86 -12.50
CA PHE E 29 20.02 -18.14 -11.23
C PHE E 29 21.41 -17.98 -10.59
N SER E 30 22.26 -19.04 -10.65
CA SER E 30 23.60 -19.04 -10.05
C SER E 30 24.60 -18.04 -10.67
N SER E 31 24.43 -17.76 -11.97
CA SER E 31 25.30 -16.90 -12.80
C SER E 31 25.28 -15.38 -12.51
N TYR E 32 24.20 -14.86 -11.91
CA TYR E 32 24.04 -13.41 -11.73
C TYR E 32 23.98 -12.95 -10.28
N TRP E 33 24.56 -11.76 -10.00
CA TRP E 33 24.49 -11.11 -8.68
C TRP E 33 23.04 -10.67 -8.51
N MET E 34 22.45 -11.04 -7.38
CA MET E 34 21.07 -10.72 -7.02
C MET E 34 21.12 -9.63 -5.95
N HIS E 35 20.27 -8.62 -6.08
CA HIS E 35 20.28 -7.46 -5.19
C HIS E 35 18.95 -7.18 -4.57
N TRP E 36 18.97 -6.48 -3.42
CA TRP E 36 17.79 -5.95 -2.75
C TRP E 36 17.95 -4.45 -2.74
N VAL E 37 16.91 -3.75 -3.20
CA VAL E 37 16.86 -2.28 -3.31
C VAL E 37 15.51 -1.86 -2.72
N ARG E 38 15.49 -0.80 -1.87
CA ARG E 38 14.23 -0.34 -1.30
C ARG E 38 13.89 1.09 -1.74
N GLN E 39 12.60 1.46 -1.61
CA GLN E 39 12.14 2.78 -2.01
C GLN E 39 11.11 3.32 -1.05
N ALA E 40 11.31 4.60 -0.70
CA ALA E 40 10.43 5.38 0.17
C ALA E 40 10.46 6.83 -0.34
N PRO E 41 9.34 7.58 -0.20
CA PRO E 41 9.35 9.00 -0.66
C PRO E 41 10.46 9.84 -0.01
N GLY E 42 11.12 10.64 -0.83
CA GLY E 42 12.20 11.52 -0.40
C GLY E 42 13.48 10.81 -0.02
N LYS E 43 13.52 9.49 -0.18
CA LYS E 43 14.68 8.66 0.13
C LYS E 43 15.17 7.95 -1.14
N GLY E 44 14.57 8.31 -2.28
CA GLY E 44 14.87 7.78 -3.61
C GLY E 44 14.81 6.26 -3.62
N LEU E 45 15.76 5.64 -4.28
CA LEU E 45 15.99 4.21 -4.31
C LEU E 45 17.30 3.94 -3.56
N GLU E 46 17.28 2.96 -2.65
CA GLU E 46 18.40 2.65 -1.77
C GLU E 46 18.83 1.20 -1.87
N TRP E 47 20.08 0.97 -2.29
CA TRP E 47 20.66 -0.36 -2.43
C TRP E 47 20.99 -0.92 -1.05
N ILE E 48 20.52 -2.13 -0.78
CA ILE E 48 20.69 -2.81 0.52
C ILE E 48 21.94 -3.69 0.49
N GLY E 49 22.03 -4.54 -0.51
CA GLY E 49 23.15 -5.44 -0.66
C GLY E 49 22.95 -6.39 -1.82
N GLU E 50 23.94 -7.28 -2.00
CA GLU E 50 23.95 -8.27 -3.07
C GLU E 50 24.39 -9.64 -2.62
N ILE E 51 24.12 -10.64 -3.47
CA ILE E 51 24.56 -12.01 -3.30
C ILE E 51 24.85 -12.66 -4.65
N LYS E 52 25.97 -13.39 -4.75
CA LYS E 52 26.35 -14.15 -5.92
C LYS E 52 25.89 -15.58 -5.57
N PRO E 53 24.77 -16.07 -6.14
CA PRO E 53 24.24 -17.38 -5.71
C PRO E 53 25.16 -18.58 -5.90
N SER E 54 25.99 -18.60 -6.95
CA SER E 54 26.92 -19.72 -7.23
C SER E 54 27.86 -20.09 -6.07
N ASN E 55 28.46 -19.07 -5.41
CA ASN E 55 29.39 -19.27 -4.30
C ASN E 55 28.89 -18.68 -2.97
N GLU E 56 27.70 -18.05 -3.00
CA GLU E 56 27.01 -17.41 -1.89
C GLU E 56 27.80 -16.24 -1.28
N LEU E 57 28.62 -15.58 -2.13
CA LEU E 57 29.39 -14.38 -1.78
C LEU E 57 28.35 -13.30 -1.54
N THR E 58 28.43 -12.62 -0.40
CA THR E 58 27.46 -11.59 -0.06
C THR E 58 28.10 -10.28 0.40
N ASN E 59 27.51 -9.14 0.00
CA ASN E 59 27.95 -7.82 0.42
C ASN E 59 26.75 -7.01 0.77
N VAL E 60 26.60 -6.70 2.05
CA VAL E 60 25.51 -5.89 2.54
C VAL E 60 26.09 -4.53 2.85
N HIS E 61 25.37 -3.47 2.48
CA HIS E 61 25.79 -2.12 2.76
C HIS E 61 26.01 -1.93 4.26
N GLU E 62 27.10 -1.22 4.61
CA GLU E 62 27.53 -0.92 5.97
C GLU E 62 26.34 -0.51 6.86
N LYS E 63 25.43 0.28 6.30
CA LYS E 63 24.22 0.80 6.90
C LYS E 63 23.25 -0.24 7.47
N PHE E 64 23.20 -1.43 6.87
CA PHE E 64 22.28 -2.51 7.22
C PHE E 64 22.95 -3.77 7.78
N LYS E 65 24.25 -3.87 7.60
CA LYS E 65 25.13 -4.99 7.97
C LYS E 65 24.88 -5.62 9.35
N ASP E 66 24.57 -4.81 10.37
CA ASP E 66 24.35 -5.29 11.73
C ASP E 66 23.00 -5.98 11.95
N ARG E 67 22.04 -5.82 11.00
CA ARG E 67 20.70 -6.40 11.18
C ARG E 67 20.08 -7.06 9.94
N PHE E 68 20.61 -6.84 8.72
CA PHE E 68 20.04 -7.44 7.50
C PHE E 68 20.97 -8.50 6.93
N THR E 69 20.41 -9.65 6.51
CA THR E 69 21.17 -10.73 5.91
C THR E 69 20.55 -11.15 4.58
N ILE E 70 21.40 -11.42 3.61
CA ILE E 70 20.95 -11.90 2.31
C ILE E 70 21.41 -13.35 2.15
N SER E 71 20.50 -14.20 1.68
CA SER E 71 20.77 -15.61 1.46
C SER E 71 20.10 -16.09 0.17
N VAL E 72 20.42 -17.32 -0.24
CA VAL E 72 19.83 -17.95 -1.42
C VAL E 72 19.43 -19.38 -1.12
N ASP E 73 18.50 -19.92 -1.91
CA ASP E 73 18.13 -21.32 -1.90
C ASP E 73 18.20 -21.68 -3.37
N LYS E 74 19.34 -22.25 -3.78
CA LYS E 74 19.60 -22.60 -5.19
C LYS E 74 18.62 -23.64 -5.74
N ALA E 75 18.10 -24.55 -4.87
CA ALA E 75 17.12 -25.55 -5.27
C ALA E 75 15.80 -24.88 -5.65
N LYS E 76 15.44 -23.81 -4.92
CA LYS E 76 14.22 -23.03 -5.16
C LYS E 76 14.43 -21.84 -6.09
N ASN E 77 15.67 -21.66 -6.62
CA ASN E 77 16.05 -20.53 -7.50
C ASN E 77 15.59 -19.22 -6.86
N SER E 78 15.78 -19.08 -5.55
CA SER E 78 15.30 -17.92 -4.81
C SER E 78 16.33 -17.22 -3.96
N ALA E 79 16.15 -15.90 -3.78
CA ALA E 79 16.98 -15.05 -2.94
C ALA E 79 16.11 -14.56 -1.80
N TYR E 80 16.71 -14.28 -0.64
CA TYR E 80 15.98 -13.84 0.54
C TYR E 80 16.64 -12.66 1.21
N LEU E 81 15.83 -11.88 1.92
CA LEU E 81 16.30 -10.77 2.73
C LEU E 81 15.70 -10.92 4.12
N GLN E 82 16.56 -11.17 5.11
CA GLN E 82 16.15 -11.29 6.51
C GLN E 82 16.42 -9.95 7.16
N MET E 83 15.37 -9.33 7.64
CA MET E 83 15.51 -8.03 8.29
C MET E 83 15.20 -8.17 9.75
N ASN E 84 16.06 -7.61 10.59
CA ASN E 84 15.92 -7.66 12.06
C ASN E 84 15.95 -6.25 12.63
N SER E 85 15.47 -6.09 13.89
CA SER E 85 15.42 -4.80 14.61
C SER E 85 14.81 -3.70 13.72
N LEU E 86 13.64 -3.98 13.13
CA LEU E 86 12.97 -3.05 12.22
C LEU E 86 12.48 -1.81 12.94
N ARG E 87 12.66 -0.66 12.28
CA ARG E 87 12.30 0.66 12.77
C ARG E 87 11.41 1.33 11.76
N ALA E 88 10.73 2.42 12.16
CA ALA E 88 9.85 3.20 11.30
C ALA E 88 10.49 3.59 9.98
N GLU E 89 11.79 3.85 9.99
CA GLU E 89 12.56 4.24 8.81
C GLU E 89 12.75 3.11 7.77
N ASP E 90 12.35 1.87 8.12
CA ASP E 90 12.44 0.72 7.21
C ASP E 90 11.16 0.54 6.39
N THR E 91 10.12 1.36 6.66
CA THR E 91 8.86 1.32 5.92
C THR E 91 9.21 1.75 4.48
N ALA E 92 9.05 0.82 3.53
CA ALA E 92 9.44 1.05 2.12
C ALA E 92 8.91 -0.08 1.25
N VAL E 93 8.97 0.14 -0.08
CA VAL E 93 8.67 -0.88 -1.07
C VAL E 93 10.02 -1.55 -1.29
N TYR E 94 10.07 -2.87 -1.16
CA TYR E 94 11.32 -3.63 -1.31
C TYR E 94 11.29 -4.37 -2.61
N TYR E 95 12.34 -4.17 -3.42
CA TYR E 95 12.53 -4.83 -4.70
C TYR E 95 13.72 -5.74 -4.66
N CYS E 96 13.66 -6.83 -5.44
CA CYS E 96 14.83 -7.63 -5.74
C CYS E 96 15.07 -7.37 -7.22
N THR E 97 16.34 -7.38 -7.61
CA THR E 97 16.76 -7.08 -8.98
C THR E 97 18.07 -7.80 -9.23
N ARG E 98 18.45 -7.94 -10.49
CA ARG E 98 19.72 -8.59 -10.79
C ARG E 98 20.58 -7.66 -11.62
N THR E 99 21.90 -7.87 -11.58
CA THR E 99 22.79 -7.13 -12.47
C THR E 99 23.23 -8.06 -13.55
N ILE E 100 23.39 -7.52 -14.74
CA ILE E 100 23.90 -8.22 -15.91
C ILE E 100 25.07 -7.44 -16.45
N THR E 101 25.98 -8.12 -17.15
CA THR E 101 27.13 -7.48 -17.77
C THR E 101 26.98 -7.61 -19.27
N THR E 102 27.19 -6.50 -20.00
CA THR E 102 27.14 -6.51 -21.46
C THR E 102 28.48 -7.03 -21.99
N THR E 103 28.56 -7.27 -23.31
CA THR E 103 29.77 -7.72 -24.00
C THR E 103 30.88 -6.67 -23.86
N GLU E 104 30.52 -5.39 -23.76
CA GLU E 104 31.46 -4.28 -23.59
C GLU E 104 31.94 -4.09 -22.13
N GLY E 105 31.40 -4.83 -21.19
CA GLY E 105 31.81 -4.76 -19.79
C GLY E 105 31.01 -3.88 -18.86
N TYR E 106 29.85 -3.36 -19.30
CA TYR E 106 29.02 -2.53 -18.44
C TYR E 106 27.98 -3.35 -17.72
N TRP E 107 27.85 -3.14 -16.40
CA TRP E 107 26.90 -3.87 -15.56
C TRP E 107 25.90 -2.92 -14.93
N PHE E 108 24.65 -3.38 -14.78
CA PHE E 108 23.53 -2.58 -14.27
C PHE E 108 22.32 -3.46 -13.98
N PHE E 109 21.33 -2.90 -13.25
CA PHE E 109 20.07 -3.58 -12.95
C PHE E 109 19.24 -3.61 -14.23
N ASP E 110 18.84 -4.81 -14.68
CA ASP E 110 18.03 -4.92 -15.89
C ASP E 110 16.59 -5.35 -15.57
N VAL E 111 16.42 -6.43 -14.80
CA VAL E 111 15.11 -6.96 -14.43
C VAL E 111 14.85 -6.75 -12.95
N TRP E 112 13.63 -6.37 -12.60
CA TRP E 112 13.22 -6.13 -11.22
C TRP E 112 11.95 -6.92 -10.92
N GLY E 113 11.71 -7.16 -9.63
CA GLY E 113 10.47 -7.76 -9.16
C GLY E 113 9.40 -6.69 -9.16
N GLN E 114 8.16 -7.06 -8.80
CA GLN E 114 7.04 -6.13 -8.78
C GLN E 114 7.07 -5.22 -7.54
N GLY E 115 7.86 -5.61 -6.54
CA GLY E 115 7.97 -4.91 -5.27
C GLY E 115 6.97 -5.42 -4.25
N THR E 116 7.36 -5.37 -2.97
CA THR E 116 6.55 -5.79 -1.84
C THR E 116 6.67 -4.70 -0.77
N LEU E 117 5.55 -4.24 -0.24
CA LEU E 117 5.56 -3.21 0.78
C LEU E 117 5.77 -3.74 2.21
N VAL E 118 6.73 -3.15 2.93
CA VAL E 118 7.00 -3.47 4.34
C VAL E 118 6.63 -2.23 5.14
N THR E 119 5.68 -2.39 6.09
CA THR E 119 5.23 -1.29 6.95
C THR E 119 5.61 -1.58 8.40
N VAL E 120 6.38 -0.69 9.02
CA VAL E 120 6.77 -0.84 10.42
C VAL E 120 5.95 0.15 11.25
N SER E 121 5.03 -0.37 12.10
CA SER E 121 4.19 0.44 13.00
C SER E 121 3.56 -0.41 14.09
N GLY F 2 30.43 6.93 2.86
CA GLY F 2 31.40 7.05 1.78
C GLY F 2 30.82 6.80 0.41
N ASP F 3 29.49 6.87 0.29
CA ASP F 3 28.78 6.65 -0.97
C ASP F 3 28.86 7.83 -1.92
N ILE F 4 28.80 7.54 -3.23
CA ILE F 4 28.76 8.56 -4.25
C ILE F 4 27.33 9.07 -4.26
N GLN F 5 27.14 10.33 -3.90
CA GLN F 5 25.81 10.92 -3.87
C GLN F 5 25.47 11.46 -5.26
N LEU F 6 24.23 11.23 -5.70
CA LEU F 6 23.72 11.71 -7.00
C LEU F 6 22.60 12.70 -6.74
N THR F 7 22.73 13.91 -7.27
CA THR F 7 21.72 14.97 -7.08
C THR F 7 21.17 15.35 -8.45
N GLN F 8 19.86 15.23 -8.60
CA GLN F 8 19.21 15.53 -9.86
C GLN F 8 18.60 16.91 -9.84
N SER F 9 18.47 17.51 -11.03
CA SER F 9 17.83 18.81 -11.20
C SER F 9 17.00 18.85 -12.48
N PRO F 10 15.75 19.36 -12.45
CA PRO F 10 15.02 19.85 -11.27
C PRO F 10 14.43 18.67 -10.47
N SER F 11 13.65 18.95 -9.42
CA SER F 11 12.99 17.90 -8.64
C SER F 11 11.75 17.41 -9.37
N SER F 12 11.07 18.32 -10.08
CA SER F 12 9.91 18.03 -10.90
C SER F 12 9.83 19.06 -12.01
N LEU F 13 9.19 18.70 -13.11
CA LEU F 13 9.03 19.62 -14.24
C LEU F 13 7.81 19.25 -15.05
N SER F 14 7.27 20.24 -15.76
CA SER F 14 6.13 20.05 -16.63
C SER F 14 6.46 20.54 -18.02
N ALA F 15 5.93 19.84 -19.02
CA ALA F 15 6.12 20.16 -20.43
C ALA F 15 5.00 19.53 -21.25
N SER F 16 4.91 19.91 -22.53
CA SER F 16 3.88 19.40 -23.42
C SER F 16 4.45 18.38 -24.39
N VAL F 17 3.57 17.57 -25.02
CA VAL F 17 3.92 16.61 -26.07
C VAL F 17 4.61 17.40 -27.18
N GLY F 18 5.76 16.92 -27.63
CA GLY F 18 6.54 17.56 -28.68
C GLY F 18 7.66 18.44 -28.16
N ASP F 19 7.67 18.72 -26.85
CA ASP F 19 8.71 19.55 -26.26
C ASP F 19 9.99 18.76 -26.03
N ARG F 20 11.10 19.49 -25.95
CA ARG F 20 12.41 18.96 -25.67
C ARG F 20 12.66 19.28 -24.18
N VAL F 21 12.98 18.26 -23.37
CA VAL F 21 13.27 18.48 -21.95
C VAL F 21 14.61 17.87 -21.57
N THR F 22 15.25 18.47 -20.58
CA THR F 22 16.54 18.01 -20.08
C THR F 22 16.46 17.83 -18.58
N ILE F 23 17.08 16.75 -18.09
CA ILE F 23 17.18 16.44 -16.65
C ILE F 23 18.67 16.27 -16.40
N THR F 24 19.20 16.91 -15.36
CA THR F 24 20.62 16.80 -15.03
C THR F 24 20.87 15.94 -13.81
N CYS F 25 22.08 15.40 -13.71
CA CYS F 25 22.51 14.56 -12.61
C CYS F 25 23.92 14.96 -12.26
N ARG F 26 24.16 15.33 -11.00
CA ARG F 26 25.47 15.72 -10.52
C ARG F 26 25.95 14.70 -9.47
N ALA F 27 27.15 14.16 -9.66
CA ALA F 27 27.73 13.20 -8.73
C ALA F 27 28.70 13.91 -7.78
N SER F 28 28.78 13.44 -6.52
CA SER F 28 29.65 14.00 -5.49
C SER F 28 31.15 13.78 -5.81
N GLU F 29 31.45 12.79 -6.65
CA GLU F 29 32.79 12.47 -7.16
C GLU F 29 32.64 11.81 -8.52
N SER F 30 33.71 11.76 -9.33
CA SER F 30 33.68 11.17 -10.67
C SER F 30 33.15 9.73 -10.68
N VAL F 31 32.29 9.43 -11.67
CA VAL F 31 31.78 8.07 -11.84
C VAL F 31 32.49 7.40 -13.04
N ASP F 32 33.57 8.03 -13.52
CA ASP F 32 34.33 7.53 -14.65
C ASP F 32 35.32 6.45 -14.28
N TYR F 33 35.63 5.59 -15.25
CA TYR F 33 36.61 4.53 -15.11
C TYR F 33 37.15 4.19 -16.47
N TYR F 34 38.45 4.46 -16.68
CA TYR F 34 39.19 4.18 -17.92
C TYR F 34 38.47 4.68 -19.18
N GLY F 35 38.01 5.93 -19.14
CA GLY F 35 37.35 6.55 -20.28
C GLY F 35 35.87 6.22 -20.44
N SER F 36 35.28 5.45 -19.50
CA SER F 36 33.85 5.15 -19.51
C SER F 36 33.21 5.90 -18.34
N SER F 37 31.93 6.25 -18.44
CA SER F 37 31.21 6.92 -17.36
C SER F 37 30.16 5.92 -16.89
N LEU F 38 30.29 5.41 -15.66
CA LEU F 38 29.41 4.37 -15.14
C LEU F 38 28.14 4.97 -14.55
N LEU F 39 27.31 5.52 -15.45
CA LEU F 39 26.10 6.25 -15.13
C LEU F 39 24.92 5.76 -15.97
N GLN F 40 23.85 5.35 -15.30
CA GLN F 40 22.64 4.85 -15.92
C GLN F 40 21.49 5.82 -15.68
N TRP F 41 20.47 5.76 -16.55
CA TRP F 41 19.23 6.50 -16.39
C TRP F 41 18.09 5.47 -16.40
N TYR F 42 17.22 5.55 -15.39
CA TYR F 42 16.06 4.67 -15.23
C TYR F 42 14.78 5.48 -15.30
N GLN F 43 13.73 4.89 -15.87
CA GLN F 43 12.41 5.49 -15.97
C GLN F 43 11.48 4.68 -15.11
N GLN F 44 10.74 5.35 -14.23
CA GLN F 44 9.80 4.66 -13.36
C GLN F 44 8.39 5.18 -13.56
N LYS F 45 7.53 4.30 -14.08
CA LYS F 45 6.11 4.61 -14.29
C LYS F 45 5.40 4.47 -12.96
N PRO F 46 4.33 5.26 -12.68
CA PRO F 46 3.70 5.18 -11.35
C PRO F 46 3.29 3.77 -10.91
N GLY F 47 3.74 3.38 -9.72
CA GLY F 47 3.47 2.07 -9.12
C GLY F 47 4.24 0.90 -9.70
N LYS F 48 5.10 1.15 -10.71
CA LYS F 48 5.89 0.12 -11.39
C LYS F 48 7.36 0.13 -10.99
N ALA F 49 8.14 -0.89 -11.41
CA ALA F 49 9.56 -0.97 -11.10
C ALA F 49 10.35 -0.06 -12.07
N PRO F 50 11.57 0.40 -11.70
CA PRO F 50 12.35 1.21 -12.66
C PRO F 50 12.73 0.41 -13.90
N LYS F 51 12.84 1.08 -15.05
CA LYS F 51 13.19 0.48 -16.32
C LYS F 51 14.41 1.18 -16.87
N LEU F 52 15.45 0.40 -17.23
CA LEU F 52 16.67 0.96 -17.81
C LEU F 52 16.44 1.65 -19.16
N LEU F 53 16.93 2.90 -19.29
CA LEU F 53 16.84 3.67 -20.54
C LEU F 53 18.22 3.79 -21.16
N ILE F 54 19.17 4.27 -20.36
CA ILE F 54 20.54 4.56 -20.77
C ILE F 54 21.51 3.92 -19.79
N TYR F 55 22.62 3.39 -20.30
CA TYR F 55 23.71 2.85 -19.49
C TYR F 55 25.02 3.40 -20.02
N ALA F 56 26.08 3.42 -19.20
CA ALA F 56 27.40 3.96 -19.55
C ALA F 56 27.29 5.39 -20.12
N ALA F 57 26.43 6.22 -19.48
CA ALA F 57 26.12 7.63 -19.74
C ALA F 57 25.43 7.94 -21.07
N SER F 58 25.79 7.24 -22.16
CA SER F 58 25.27 7.56 -23.50
C SER F 58 24.69 6.39 -24.31
N LYS F 59 24.78 5.18 -23.78
CA LYS F 59 24.28 4.01 -24.52
C LYS F 59 22.84 3.70 -24.26
N LEU F 60 22.07 3.63 -25.35
CA LEU F 60 20.65 3.35 -25.35
C LEU F 60 20.40 1.86 -25.10
N ALA F 61 19.58 1.53 -24.09
CA ALA F 61 19.22 0.14 -23.79
C ALA F 61 18.36 -0.38 -24.95
N SER F 62 18.42 -1.69 -25.24
CA SER F 62 17.68 -2.27 -26.38
C SER F 62 16.18 -1.99 -26.34
N GLY F 63 15.65 -1.56 -27.48
CA GLY F 63 14.23 -1.25 -27.64
C GLY F 63 13.79 0.11 -27.17
N VAL F 64 14.70 0.90 -26.57
CA VAL F 64 14.39 2.25 -26.07
C VAL F 64 14.39 3.24 -27.23
N PRO F 65 13.31 4.07 -27.39
CA PRO F 65 13.30 5.05 -28.50
C PRO F 65 14.48 6.00 -28.54
N SER F 66 14.91 6.36 -29.76
CA SER F 66 16.03 7.25 -30.07
C SER F 66 15.86 8.67 -29.53
N ARG F 67 14.62 9.09 -29.20
CA ARG F 67 14.33 10.42 -28.65
C ARG F 67 15.00 10.63 -27.26
N PHE F 68 15.32 9.52 -26.57
CA PHE F 68 16.04 9.55 -25.29
C PHE F 68 17.53 9.52 -25.61
N SER F 69 18.28 10.49 -25.09
CA SER F 69 19.73 10.53 -25.27
C SER F 69 20.40 10.94 -23.98
N GLY F 70 21.57 10.37 -23.73
CA GLY F 70 22.36 10.66 -22.54
C GLY F 70 23.70 11.24 -22.90
N SER F 71 24.17 12.19 -22.09
CA SER F 71 25.46 12.82 -22.30
C SER F 71 26.12 13.17 -20.97
N GLY F 72 27.36 13.63 -21.03
CA GLY F 72 28.12 14.01 -19.85
C GLY F 72 29.24 13.07 -19.53
N SER F 73 30.04 13.44 -18.52
CA SER F 73 31.19 12.69 -18.01
C SER F 73 31.53 13.21 -16.62
N GLY F 74 32.39 12.47 -15.93
CA GLY F 74 32.89 12.82 -14.61
C GLY F 74 31.82 12.93 -13.54
N THR F 75 31.40 14.16 -13.24
CA THR F 75 30.43 14.44 -12.19
C THR F 75 29.15 15.08 -12.70
N ASP F 76 29.02 15.34 -14.02
CA ASP F 76 27.86 16.04 -14.57
C ASP F 76 27.30 15.33 -15.78
N PHE F 77 26.01 14.97 -15.69
CA PHE F 77 25.30 14.21 -16.73
C PHE F 77 23.98 14.81 -17.06
N THR F 78 23.49 14.53 -18.28
CA THR F 78 22.23 15.05 -18.76
C THR F 78 21.46 13.99 -19.53
N LEU F 79 20.17 13.87 -19.22
CA LEU F 79 19.23 13.04 -19.94
C LEU F 79 18.41 14.03 -20.75
N THR F 80 18.37 13.83 -22.06
CA THR F 80 17.61 14.68 -22.97
C THR F 80 16.52 13.87 -23.63
N ILE F 81 15.29 14.37 -23.56
CA ILE F 81 14.18 13.76 -24.27
C ILE F 81 13.78 14.76 -25.36
N SER F 82 14.08 14.42 -26.62
CA SER F 82 13.69 15.25 -27.75
C SER F 82 12.25 14.87 -28.07
N SER F 83 11.40 15.84 -28.41
CA SER F 83 10.00 15.58 -28.77
C SER F 83 9.28 14.62 -27.83
N LEU F 84 8.83 15.14 -26.67
CA LEU F 84 8.12 14.38 -25.64
C LEU F 84 6.91 13.67 -26.20
N GLN F 85 6.68 12.43 -25.75
CA GLN F 85 5.54 11.63 -26.15
C GLN F 85 4.65 11.42 -24.90
N PRO F 86 3.32 11.14 -25.07
CA PRO F 86 2.43 11.03 -23.89
C PRO F 86 2.84 9.98 -22.84
N GLU F 87 3.46 8.89 -23.30
CA GLU F 87 3.95 7.78 -22.48
C GLU F 87 5.22 8.12 -21.66
N ASP F 88 5.86 9.28 -21.93
CA ASP F 88 7.10 9.71 -21.28
C ASP F 88 6.92 10.30 -19.87
N PHE F 89 5.66 10.56 -19.44
CA PHE F 89 5.44 11.06 -18.08
C PHE F 89 5.87 9.97 -17.12
N ALA F 90 6.77 10.28 -16.19
CA ALA F 90 7.30 9.31 -15.26
C ALA F 90 8.27 10.00 -14.35
N THR F 91 8.83 9.24 -13.40
CA THR F 91 9.88 9.74 -12.53
C THR F 91 11.17 9.12 -13.06
N TYR F 92 12.17 9.98 -13.31
CA TYR F 92 13.45 9.59 -13.86
C TYR F 92 14.53 9.59 -12.80
N TYR F 93 15.39 8.57 -12.81
CA TYR F 93 16.47 8.43 -11.84
C TYR F 93 17.79 8.22 -12.53
N CYS F 94 18.83 8.96 -12.12
CA CYS F 94 20.16 8.62 -12.57
C CYS F 94 20.68 7.61 -11.53
N GLN F 95 21.66 6.79 -11.91
CA GLN F 95 22.13 5.69 -11.09
C GLN F 95 23.59 5.45 -11.42
N GLN F 96 24.46 5.26 -10.40
CA GLN F 96 25.88 5.03 -10.69
C GLN F 96 26.37 3.68 -10.20
N THR F 97 27.33 3.09 -10.94
CA THR F 97 27.91 1.77 -10.64
C THR F 97 29.44 1.84 -10.43
N ARG F 98 30.01 3.07 -10.35
CA ARG F 98 31.44 3.26 -10.12
C ARG F 98 31.84 2.73 -8.73
N LYS F 99 30.98 2.96 -7.73
CA LYS F 99 31.23 2.55 -6.35
C LYS F 99 29.91 2.02 -5.80
N ALA F 100 29.83 0.69 -5.61
CA ALA F 100 28.61 0.00 -5.17
C ALA F 100 27.43 0.47 -6.05
N TYR F 101 26.27 0.85 -5.47
CA TYR F 101 25.10 1.26 -6.23
C TYR F 101 24.36 2.37 -5.51
N THR F 102 24.23 3.53 -6.16
CA THR F 102 23.43 4.64 -5.63
C THR F 102 22.54 5.18 -6.74
N PHE F 103 21.51 5.93 -6.33
CA PHE F 103 20.55 6.52 -7.23
C PHE F 103 20.38 7.98 -6.85
N GLY F 104 19.95 8.79 -7.83
CA GLY F 104 19.58 10.17 -7.57
C GLY F 104 18.25 10.19 -6.84
N GLN F 105 17.80 11.36 -6.37
CA GLN F 105 16.54 11.48 -5.64
C GLN F 105 15.29 11.37 -6.53
N GLY F 106 15.50 11.43 -7.84
CA GLY F 106 14.42 11.35 -8.82
C GLY F 106 13.90 12.69 -9.28
N THR F 107 13.48 12.74 -10.55
CA THR F 107 12.88 13.93 -11.17
C THR F 107 11.55 13.51 -11.77
N LYS F 108 10.45 14.10 -11.28
CA LYS F 108 9.13 13.78 -11.77
C LYS F 108 8.78 14.64 -12.99
N LEU F 109 8.51 13.98 -14.11
CA LEU F 109 8.14 14.65 -15.34
C LEU F 109 6.63 14.51 -15.53
N GLU F 110 5.93 15.65 -15.43
CA GLU F 110 4.48 15.76 -15.55
C GLU F 110 4.17 16.36 -16.90
N ILE F 111 3.24 15.75 -17.64
CA ILE F 111 2.97 16.15 -19.02
C ILE F 111 1.50 15.97 -19.36
#